data_5X9Q
#
_entry.id   5X9Q
#
_cell.length_a   74.890
_cell.length_b   119.370
_cell.length_c   76.703
_cell.angle_alpha   90.00
_cell.angle_beta   110.81
_cell.angle_gamma   90.00
#
_symmetry.space_group_name_H-M   'I 1 2 1'
#
loop_
_entity.id
_entity.type
_entity.pdbx_description
1 polymer 'Putative cytidylyltransferase'
2 non-polymer '2-(N-MORPHOLINO)-ETHANESULFONIC ACID'
3 water water
#
_entity_poly.entity_id   1
_entity_poly.type   'polypeptide(L)'
_entity_poly.pdbx_seq_one_letter_code
;MHHHHHHGGGGGMPASFERKLITRDALAAMRASLPAPVVFTNGVFDILHRGHVSYLADAKALGACLIVGVNSDASVRMLG
KGDDRPINVQEDRMALLAALECVDWVVGFDEKTPVSLIEAVHPDILVKGGDYDMDALPESALVRGWGGRALAIPFEHDRS
TTALLKKVRAQSR
;
_entity_poly.pdbx_strand_id   A,B,C,D
#
loop_
_chem_comp.id
_chem_comp.type
_chem_comp.name
_chem_comp.formula
MES non-polymer '2-(N-MORPHOLINO)-ETHANESULFONIC ACID' 'C6 H13 N O4 S'
#
# COMPACT_ATOMS: atom_id res chain seq x y z
N ALA A 15 -0.01 24.93 -4.93
CA ALA A 15 -1.41 25.22 -5.16
C ALA A 15 -2.05 24.07 -5.90
N SER A 16 -1.26 23.10 -6.32
CA SER A 16 -1.79 21.96 -7.01
C SER A 16 -2.61 21.06 -6.09
N PHE A 17 -2.25 20.94 -4.82
CA PHE A 17 -3.08 20.07 -4.02
C PHE A 17 -4.47 20.65 -3.83
N GLU A 18 -4.63 21.93 -4.12
CA GLU A 18 -5.91 22.60 -3.98
C GLU A 18 -6.98 22.02 -4.93
N ARG A 19 -6.58 21.12 -5.82
CA ARG A 19 -7.53 20.53 -6.75
C ARG A 19 -8.52 19.67 -5.95
N LYS A 20 -8.15 19.32 -4.71
CA LYS A 20 -9.01 18.52 -3.87
C LYS A 20 -10.13 19.20 -3.11
N LEU A 21 -10.06 20.52 -2.99
CA LEU A 21 -11.08 21.29 -2.30
C LEU A 21 -12.32 21.33 -3.17
N ILE A 22 -13.42 20.86 -2.65
CA ILE A 22 -14.64 20.78 -3.41
C ILE A 22 -15.86 21.14 -2.58
N THR A 23 -16.90 21.59 -3.25
CA THR A 23 -18.15 21.91 -2.56
C THR A 23 -19.07 20.70 -2.48
N ARG A 24 -19.94 20.68 -1.46
CA ARG A 24 -20.87 19.59 -1.26
C ARG A 24 -21.63 19.28 -2.56
N ASP A 25 -22.08 20.32 -3.26
CA ASP A 25 -22.86 20.13 -4.49
C ASP A 25 -22.01 19.45 -5.57
N ALA A 26 -20.80 19.95 -5.75
CA ALA A 26 -19.90 19.35 -6.72
C ALA A 26 -19.55 17.91 -6.36
N LEU A 27 -19.30 17.65 -5.08
CA LEU A 27 -18.96 16.29 -4.66
C LEU A 27 -20.17 15.39 -4.89
N ALA A 28 -21.36 15.91 -4.65
CA ALA A 28 -22.58 15.16 -4.89
C ALA A 28 -22.77 14.74 -6.36
N ALA A 29 -22.46 15.65 -7.28
CA ALA A 29 -22.55 15.36 -8.72
C ALA A 29 -21.54 14.31 -9.18
N MET A 30 -20.37 14.35 -8.55
CA MET A 30 -19.25 13.50 -8.88
C MET A 30 -19.36 12.11 -8.25
N ARG A 31 -20.20 11.97 -7.23
CA ARG A 31 -20.27 10.76 -6.41
C ARG A 31 -20.37 9.47 -7.22
N ALA A 32 -21.24 9.47 -8.23
CA ALA A 32 -21.49 8.25 -8.99
C ALA A 32 -20.24 7.79 -9.74
N SER A 33 -19.30 8.70 -10.01
CA SER A 33 -18.12 8.35 -10.80
C SER A 33 -16.89 8.09 -9.93
N LEU A 34 -17.04 8.18 -8.61
CA LEU A 34 -15.95 7.85 -7.71
C LEU A 34 -15.72 6.33 -7.64
N PRO A 35 -14.45 5.92 -7.46
CA PRO A 35 -14.09 4.50 -7.35
C PRO A 35 -14.60 3.88 -6.05
N ALA A 36 -15.23 2.73 -6.12
CA ALA A 36 -15.68 2.07 -4.91
C ALA A 36 -14.51 1.27 -4.35
N PRO A 37 -14.42 1.11 -3.02
CA PRO A 37 -15.30 1.68 -1.99
C PRO A 37 -14.86 3.09 -1.61
N VAL A 38 -15.84 3.96 -1.41
CA VAL A 38 -15.58 5.33 -1.01
C VAL A 38 -15.49 5.45 0.50
N VAL A 39 -14.38 6.04 0.96
CA VAL A 39 -14.14 6.18 2.38
C VAL A 39 -14.35 7.64 2.83
N PHE A 40 -15.02 7.79 3.97
CA PHE A 40 -15.30 9.12 4.48
C PHE A 40 -14.81 9.24 5.90
N THR A 41 -14.28 10.43 6.23
CA THR A 41 -14.02 10.80 7.60
C THR A 41 -14.20 12.31 7.80
N ASN A 42 -14.32 12.75 9.05
CA ASN A 42 -14.51 14.16 9.31
C ASN A 42 -13.77 14.58 10.55
N GLY A 43 -13.52 15.88 10.67
CA GLY A 43 -12.83 16.41 11.83
C GLY A 43 -12.54 17.89 11.76
N VAL A 44 -12.00 18.42 12.83
CA VAL A 44 -11.63 19.82 12.85
C VAL A 44 -10.28 19.97 12.17
N PHE A 45 -9.35 19.11 12.59
CA PHE A 45 -7.99 19.08 12.09
C PHE A 45 -7.35 20.46 12.22
N ASP A 46 -7.44 21.07 13.41
CA ASP A 46 -6.91 22.43 13.68
C ASP A 46 -5.40 22.45 13.48
N ILE A 47 -4.69 21.62 14.24
CA ILE A 47 -3.25 21.41 14.08
C ILE A 47 -3.00 19.94 13.77
N LEU A 48 -2.44 19.66 12.60
CA LEU A 48 -2.15 18.28 12.21
C LEU A 48 -1.05 17.73 13.08
N HIS A 49 -1.25 16.51 13.57
CA HIS A 49 -0.20 15.81 14.25
C HIS A 49 -0.08 14.42 13.64
N ARG A 50 0.88 13.65 14.13
CA ARG A 50 1.20 12.36 13.53
C ARG A 50 0.05 11.34 13.60
N GLY A 51 -0.78 11.43 14.64
CA GLY A 51 -1.92 10.54 14.76
C GLY A 51 -2.94 10.79 13.66
N HIS A 52 -3.16 12.06 13.34
CA HIS A 52 -4.02 12.46 12.25
C HIS A 52 -3.60 11.83 10.93
N VAL A 53 -2.33 11.96 10.57
CA VAL A 53 -1.91 11.48 9.25
C VAL A 53 -1.77 9.96 9.21
N SER A 54 -1.39 9.36 10.33
CA SER A 54 -1.26 7.91 10.38
C SER A 54 -2.63 7.30 10.12
N TYR A 55 -3.65 7.88 10.75
CA TYR A 55 -5.01 7.42 10.60
C TYR A 55 -5.60 7.84 9.27
N LEU A 56 -5.20 8.98 8.74
CA LEU A 56 -5.70 9.39 7.43
C LEU A 56 -5.21 8.43 6.34
N ALA A 57 -4.01 7.91 6.52
CA ALA A 57 -3.36 6.97 5.60
C ALA A 57 -3.98 5.59 5.65
N ASP A 58 -4.26 5.10 6.86
CA ASP A 58 -4.89 3.81 7.04
C ASP A 58 -6.32 3.82 6.49
N ALA A 59 -7.04 4.92 6.66
CA ALA A 59 -8.42 5.02 6.16
C ALA A 59 -8.35 4.91 4.64
N LYS A 60 -7.37 5.58 4.03
CA LYS A 60 -7.20 5.51 2.57
C LYS A 60 -6.95 4.06 2.13
N ALA A 61 -6.17 3.33 2.93
CA ALA A 61 -5.82 1.94 2.64
C ALA A 61 -7.03 0.98 2.69
N LEU A 62 -8.10 1.40 3.37
CA LEU A 62 -9.32 0.58 3.45
C LEU A 62 -10.13 0.65 2.18
N GLY A 63 -9.89 1.66 1.34
CA GLY A 63 -10.77 1.87 0.21
C GLY A 63 -10.01 2.36 -0.99
N ALA A 64 -10.71 2.86 -2.01
CA ALA A 64 -10.09 3.36 -3.23
C ALA A 64 -10.10 4.90 -3.28
N CYS A 65 -10.74 5.51 -2.32
CA CYS A 65 -11.03 6.92 -2.42
C CYS A 65 -11.30 7.48 -1.02
N LEU A 66 -10.66 8.59 -0.66
CA LEU A 66 -10.82 9.10 0.69
C LEU A 66 -11.29 10.53 0.69
N ILE A 67 -12.46 10.74 1.29
CA ILE A 67 -13.04 12.06 1.45
C ILE A 67 -12.96 12.49 2.91
N VAL A 68 -12.52 13.72 3.15
CA VAL A 68 -12.46 14.27 4.49
C VAL A 68 -13.42 15.48 4.63
N GLY A 69 -14.32 15.41 5.61
CA GLY A 69 -15.23 16.51 5.91
C GLY A 69 -14.66 17.41 7.00
N VAL A 70 -14.69 18.71 6.76
CA VAL A 70 -14.05 19.62 7.72
C VAL A 70 -15.02 20.66 8.27
N ASN A 71 -15.21 20.63 9.58
CA ASN A 71 -16.09 21.58 10.24
C ASN A 71 -15.74 23.03 9.88
N SER A 72 -16.76 23.79 9.47
CA SER A 72 -16.63 25.24 9.31
C SER A 72 -16.34 25.87 10.65
N ASP A 73 -15.86 27.09 10.63
CA ASP A 73 -15.49 27.78 11.85
C ASP A 73 -16.70 27.94 12.79
N ALA A 74 -17.84 28.33 12.22
CA ALA A 74 -19.06 28.46 13.01
C ALA A 74 -19.41 27.09 13.60
N SER A 75 -19.47 26.08 12.75
CA SER A 75 -19.77 24.72 13.17
C SER A 75 -18.89 24.25 14.32
N VAL A 76 -17.58 24.47 14.22
CA VAL A 76 -16.66 24.04 15.28
C VAL A 76 -17.07 24.70 16.59
N ARG A 77 -17.57 25.90 16.49
CA ARG A 77 -18.00 26.63 17.66
C ARG A 77 -19.17 25.95 18.30
N MET A 78 -19.75 24.98 17.60
CA MET A 78 -20.94 24.31 18.17
C MET A 78 -20.65 23.28 19.29
N LEU A 79 -19.42 22.80 19.38
CA LEU A 79 -19.11 21.78 20.38
C LEU A 79 -18.26 22.29 21.54
N GLY A 80 -18.39 21.61 22.67
CA GLY A 80 -17.63 21.94 23.87
C GLY A 80 -16.58 20.88 24.13
N LYS A 81 -16.60 19.84 23.30
CA LYS A 81 -15.65 18.74 23.44
C LYS A 81 -14.24 19.23 23.20
N GLY A 82 -13.96 19.64 21.97
CA GLY A 82 -12.64 20.14 21.62
C GLY A 82 -12.51 21.64 21.74
N ASP A 83 -11.81 22.25 20.79
CA ASP A 83 -11.60 23.68 20.78
C ASP A 83 -12.85 24.37 20.23
N ASP A 84 -13.38 25.34 20.98
CA ASP A 84 -14.56 26.04 20.54
C ASP A 84 -14.18 26.86 19.34
N ARG A 85 -13.03 27.54 19.45
CA ARG A 85 -12.50 28.39 18.40
C ARG A 85 -11.13 27.87 17.95
N PRO A 86 -11.12 27.33 16.74
CA PRO A 86 -9.92 26.79 16.11
C PRO A 86 -9.04 27.96 15.73
N ILE A 87 -7.74 27.80 15.89
CA ILE A 87 -6.79 28.88 15.58
C ILE A 87 -6.50 29.11 14.10
N ASN A 88 -7.01 28.22 13.27
CA ASN A 88 -6.86 28.24 11.86
C ASN A 88 -8.23 28.25 11.32
N VAL A 89 -8.38 29.06 10.28
CA VAL A 89 -9.66 29.24 9.60
C VAL A 89 -9.90 28.02 8.74
N GLN A 90 -11.17 27.69 8.57
CA GLN A 90 -11.57 26.54 7.79
C GLN A 90 -10.91 26.33 6.42
N GLU A 91 -10.40 27.40 5.81
CA GLU A 91 -9.85 27.24 4.47
C GLU A 91 -8.43 26.72 4.67
N ASP A 92 -7.80 27.21 5.72
CA ASP A 92 -6.46 26.78 6.03
C ASP A 92 -6.42 25.34 6.54
N ARG A 93 -7.38 24.97 7.37
CA ARG A 93 -7.44 23.60 7.87
C ARG A 93 -7.68 22.64 6.73
N MET A 94 -8.52 23.06 5.77
CA MET A 94 -8.82 22.22 4.62
C MET A 94 -7.63 22.14 3.67
N ALA A 95 -6.92 23.25 3.49
CA ALA A 95 -5.75 23.25 2.61
C ALA A 95 -4.66 22.29 3.08
N LEU A 96 -4.40 22.24 4.39
CA LEU A 96 -3.40 21.33 4.94
C LEU A 96 -3.75 19.91 4.60
N LEU A 97 -5.01 19.54 4.83
CA LEU A 97 -5.48 18.19 4.50
C LEU A 97 -5.27 17.87 3.02
N ALA A 98 -5.56 18.84 2.17
CA ALA A 98 -5.45 18.59 0.74
C ALA A 98 -4.00 18.33 0.31
N ALA A 99 -3.05 18.85 1.09
CA ALA A 99 -1.64 18.68 0.78
C ALA A 99 -1.18 17.25 1.01
N LEU A 100 -2.04 16.48 1.68
CA LEU A 100 -1.70 15.11 2.05
C LEU A 100 -1.85 14.14 0.88
N GLU A 101 -0.86 13.26 0.75
CA GLU A 101 -0.86 12.27 -0.31
C GLU A 101 -2.08 11.36 -0.26
N CYS A 102 -2.50 10.98 0.93
CA CYS A 102 -3.54 9.97 1.01
C CYS A 102 -4.96 10.49 0.84
N VAL A 103 -5.16 11.80 0.90
CA VAL A 103 -6.50 12.40 0.83
C VAL A 103 -6.86 12.67 -0.62
N ASP A 104 -8.07 12.34 -1.04
CA ASP A 104 -8.48 12.68 -2.40
C ASP A 104 -9.37 13.91 -2.49
N TRP A 105 -10.28 14.07 -1.53
CA TRP A 105 -11.23 15.17 -1.60
C TRP A 105 -11.45 15.75 -0.22
N VAL A 106 -11.47 17.07 -0.12
CA VAL A 106 -11.73 17.75 1.14
C VAL A 106 -12.98 18.64 0.98
N VAL A 107 -13.98 18.40 1.83
CA VAL A 107 -15.26 19.13 1.80
C VAL A 107 -15.55 19.77 3.15
N GLY A 108 -15.95 21.04 3.14
CA GLY A 108 -16.39 21.68 4.38
C GLY A 108 -17.87 21.46 4.64
N PHE A 109 -18.29 21.48 5.91
CA PHE A 109 -19.71 21.46 6.23
C PHE A 109 -19.96 22.40 7.41
N ASP A 110 -21.15 23.00 7.42
CA ASP A 110 -21.50 24.05 8.39
C ASP A 110 -22.27 23.56 9.62
N GLU A 111 -23.02 22.48 9.44
CA GLU A 111 -23.84 21.95 10.52
C GLU A 111 -22.96 21.47 11.67
N LYS A 112 -23.58 21.17 12.81
CA LYS A 112 -22.84 20.76 13.98
C LYS A 112 -22.31 19.33 13.85
N THR A 113 -23.04 18.50 13.11
CA THR A 113 -22.62 17.12 12.90
C THR A 113 -22.50 16.87 11.40
N PRO A 114 -21.73 15.85 11.02
CA PRO A 114 -21.60 15.58 9.59
C PRO A 114 -22.71 14.74 8.96
N VAL A 115 -23.83 14.56 9.65
CA VAL A 115 -24.89 13.67 9.16
C VAL A 115 -25.47 14.04 7.79
N SER A 116 -25.81 15.30 7.57
CA SER A 116 -26.39 15.62 6.26
C SER A 116 -25.30 15.61 5.19
N LEU A 117 -24.06 15.95 5.55
CA LEU A 117 -22.98 15.83 4.57
C LEU A 117 -22.83 14.36 4.16
N ILE A 118 -22.77 13.48 5.15
CA ILE A 118 -22.61 12.05 4.90
C ILE A 118 -23.77 11.47 4.11
N GLU A 119 -24.96 12.00 4.33
CA GLU A 119 -26.12 11.53 3.60
C GLU A 119 -25.89 11.87 2.13
N ALA A 120 -25.36 13.05 1.89
CA ALA A 120 -25.17 13.55 0.53
C ALA A 120 -24.03 12.81 -0.18
N VAL A 121 -22.98 12.49 0.56
CA VAL A 121 -21.80 11.87 0.01
C VAL A 121 -21.98 10.36 -0.19
N HIS A 122 -22.74 9.73 0.70
CA HIS A 122 -23.01 8.30 0.62
C HIS A 122 -21.80 7.36 0.59
N PRO A 123 -20.85 7.57 1.52
CA PRO A 123 -19.70 6.66 1.62
C PRO A 123 -20.04 5.18 1.76
N ASP A 124 -19.18 4.30 1.30
CA ASP A 124 -19.29 2.88 1.57
C ASP A 124 -18.66 2.59 2.94
N ILE A 125 -17.69 3.40 3.32
CA ILE A 125 -17.02 3.12 4.59
C ILE A 125 -16.85 4.42 5.35
N LEU A 126 -17.27 4.42 6.61
CA LEU A 126 -17.13 5.56 7.50
C LEU A 126 -16.11 5.26 8.56
N VAL A 127 -15.16 6.17 8.76
CA VAL A 127 -14.11 5.90 9.72
C VAL A 127 -13.93 7.05 10.69
N LYS A 128 -13.63 6.71 11.95
CA LYS A 128 -13.27 7.71 12.91
C LYS A 128 -11.93 7.40 13.50
N GLY A 129 -11.16 8.44 13.79
CA GLY A 129 -9.85 8.32 14.37
C GLY A 129 -9.96 8.57 15.85
N GLY A 130 -9.41 7.65 16.64
CA GLY A 130 -9.51 7.73 18.07
C GLY A 130 -10.29 6.54 18.58
N ASP A 131 -10.56 6.54 19.89
CA ASP A 131 -11.33 5.49 20.53
C ASP A 131 -12.73 6.07 20.65
N TYR A 132 -13.62 5.66 19.75
CA TYR A 132 -14.97 6.21 19.73
C TYR A 132 -15.93 5.05 19.50
N ASP A 133 -16.94 4.97 20.35
CA ASP A 133 -17.95 3.92 20.23
C ASP A 133 -18.61 4.32 18.92
N MET A 134 -18.56 3.46 17.92
CA MET A 134 -19.16 3.79 16.64
C MET A 134 -20.67 3.63 16.78
N ASP A 135 -21.11 2.72 17.64
CA ASP A 135 -22.56 2.55 17.89
C ASP A 135 -23.25 3.79 18.49
N ALA A 136 -22.48 4.70 19.08
CA ALA A 136 -23.07 5.90 19.68
C ALA A 136 -23.19 7.05 18.69
N LEU A 137 -22.70 6.83 17.47
CA LEU A 137 -22.70 7.87 16.43
C LEU A 137 -23.88 7.75 15.48
N PRO A 138 -24.57 8.88 15.26
CA PRO A 138 -25.70 8.94 14.32
C PRO A 138 -25.24 8.53 12.93
N GLU A 139 -24.09 9.04 12.50
CA GLU A 139 -23.59 8.77 11.15
C GLU A 139 -23.27 7.27 10.92
N SER A 140 -22.90 6.54 11.97
CA SER A 140 -22.68 5.11 11.85
C SER A 140 -23.96 4.43 11.42
N ALA A 141 -25.04 4.81 12.09
CA ALA A 141 -26.34 4.23 11.81
C ALA A 141 -26.73 4.59 10.41
N LEU A 142 -26.48 5.85 10.03
CA LEU A 142 -26.83 6.30 8.69
C LEU A 142 -26.16 5.41 7.65
N VAL A 143 -24.83 5.27 7.77
CA VAL A 143 -24.07 4.52 6.77
C VAL A 143 -24.40 3.03 6.77
N ARG A 144 -24.47 2.45 7.95
CA ARG A 144 -24.84 1.03 8.05
C ARG A 144 -26.24 0.83 7.54
N GLY A 145 -27.07 1.86 7.65
CA GLY A 145 -28.46 1.79 7.24
C GLY A 145 -28.58 1.37 5.78
N TRP A 146 -27.61 1.74 4.94
CA TRP A 146 -27.67 1.30 3.54
C TRP A 146 -26.65 0.22 3.25
N GLY A 147 -26.15 -0.44 4.28
CA GLY A 147 -25.24 -1.57 4.10
C GLY A 147 -23.74 -1.25 4.12
N GLY A 148 -23.37 0.00 4.39
CA GLY A 148 -21.97 0.38 4.47
C GLY A 148 -21.34 -0.04 5.80
N ARG A 149 -20.07 0.28 5.99
CA ARG A 149 -19.35 -0.11 7.20
C ARG A 149 -18.90 1.12 7.93
N ALA A 150 -18.82 1.01 9.24
CA ALA A 150 -18.42 2.11 10.08
C ALA A 150 -17.43 1.56 11.10
N LEU A 151 -16.30 2.24 11.27
CA LEU A 151 -15.32 1.70 12.18
C LEU A 151 -14.38 2.75 12.69
N ALA A 152 -13.79 2.49 13.85
CA ALA A 152 -12.86 3.41 14.47
C ALA A 152 -11.45 2.90 14.23
N ILE A 153 -10.54 3.76 13.88
CA ILE A 153 -9.19 3.35 13.66
C ILE A 153 -8.45 4.07 14.73
N PRO A 154 -7.66 3.38 15.52
CA PRO A 154 -6.91 4.01 16.59
C PRO A 154 -5.85 4.90 16.04
N PHE A 155 -5.48 5.99 16.84
CA PHE A 155 -4.56 7.00 16.35
C PHE A 155 -3.10 6.55 16.17
N GLU A 156 -2.54 5.98 17.25
CA GLU A 156 -1.20 5.47 17.19
C GLU A 156 -1.25 4.09 17.69
N HIS A 157 -0.88 3.18 16.80
CA HIS A 157 -0.83 1.76 17.05
C HIS A 157 0.47 1.27 16.43
N ASP A 158 1.00 0.19 16.96
CA ASP A 158 2.24 -0.36 16.47
C ASP A 158 1.90 -1.23 15.31
N ARG A 159 2.33 -0.77 14.12
CA ARG A 159 2.09 -1.45 12.88
C ARG A 159 3.29 -2.21 12.38
N SER A 160 3.04 -3.18 11.47
CA SER A 160 4.08 -3.97 10.89
C SER A 160 4.83 -3.11 9.92
N THR A 161 4.11 -2.22 9.15
CA THR A 161 4.77 -1.38 8.17
C THR A 161 5.67 -0.43 8.89
N THR A 162 5.16 0.20 10.02
CA THR A 162 6.18 1.01 10.70
C THR A 162 7.47 0.34 11.17
N ALA A 163 7.34 -0.76 11.89
CA ALA A 163 8.48 -1.50 12.45
C ALA A 163 9.50 -1.80 11.35
N LEU A 164 8.99 -2.27 10.22
CA LEU A 164 9.79 -2.62 9.06
C LEU A 164 10.62 -1.49 8.46
N LEU A 165 9.95 -0.46 7.94
CA LEU A 165 10.64 0.69 7.37
C LEU A 165 11.76 1.30 8.21
N LYS A 166 11.52 1.41 9.51
CA LYS A 166 12.51 1.96 10.44
C LYS A 166 13.60 0.94 10.71
N LYS A 167 13.22 -0.34 10.67
CA LYS A 167 14.15 -1.42 10.88
C LYS A 167 15.25 -1.16 9.86
N VAL A 168 14.80 -0.81 8.66
CA VAL A 168 15.53 -0.43 7.47
C VAL A 168 16.39 0.80 7.78
N ARG A 169 15.88 1.73 8.58
CA ARG A 169 16.61 2.94 8.95
C ARG A 169 17.85 2.63 9.76
N ALA A 170 17.75 1.83 10.82
CA ALA A 170 18.96 1.47 11.58
C ALA A 170 20.18 0.98 10.85
N GLN A 171 19.88 0.12 9.89
CA GLN A 171 20.84 -0.52 9.03
C GLN A 171 21.85 0.51 8.60
N SER A 172 21.39 1.65 8.09
CA SER A 172 22.44 2.60 7.71
C SER A 172 23.44 2.85 8.85
N ALA B 15 1.50 4.95 6.84
CA ALA B 15 2.40 3.81 6.83
C ALA B 15 3.08 3.64 5.47
N SER B 16 2.33 3.86 4.40
CA SER B 16 2.93 3.83 3.08
C SER B 16 3.86 5.06 2.97
N PHE B 17 3.42 6.20 3.48
CA PHE B 17 4.19 7.44 3.41
C PHE B 17 5.56 7.39 4.07
N GLU B 18 5.73 6.45 5.00
CA GLU B 18 6.99 6.30 5.73
C GLU B 18 8.10 5.79 4.82
N ARG B 19 7.75 5.43 3.59
CA ARG B 19 8.73 4.93 2.65
C ARG B 19 9.69 6.07 2.35
N LYS B 20 9.22 7.30 2.56
CA LYS B 20 10.06 8.47 2.34
C LYS B 20 11.10 8.84 3.39
N LEU B 21 10.96 8.31 4.61
CA LEU B 21 11.92 8.60 5.66
C LEU B 21 13.16 7.74 5.42
N ILE B 22 14.29 8.37 5.13
CA ILE B 22 15.50 7.62 4.86
C ILE B 22 16.75 8.30 5.39
N THR B 23 17.78 7.49 5.65
CA THR B 23 19.04 8.00 6.17
C THR B 23 19.91 8.56 5.06
N ARG B 24 20.83 9.45 5.43
CA ARG B 24 21.73 10.07 4.48
C ARG B 24 22.47 9.04 3.58
N ASP B 25 22.97 7.97 4.20
CA ASP B 25 23.76 7.00 3.44
C ASP B 25 22.96 6.30 2.37
N ALA B 26 21.77 5.82 2.75
CA ALA B 26 20.91 5.14 1.80
C ALA B 26 20.45 6.06 0.67
N LEU B 27 20.13 7.32 1.00
CA LEU B 27 19.69 8.27 -0.01
C LEU B 27 20.83 8.60 -0.97
N ALA B 28 22.02 8.79 -0.41
CA ALA B 28 23.21 9.08 -1.20
C ALA B 28 23.52 7.93 -2.19
N ALA B 29 23.38 6.70 -1.73
CA ALA B 29 23.59 5.54 -2.59
C ALA B 29 22.53 5.48 -3.69
N MET B 30 21.34 5.95 -3.37
CA MET B 30 20.21 5.90 -4.30
C MET B 30 20.16 7.11 -5.27
N ARG B 31 20.93 8.15 -4.93
CA ARG B 31 20.91 9.45 -5.60
C ARG B 31 20.89 9.46 -7.12
N ALA B 32 21.74 8.65 -7.73
CA ALA B 32 21.92 8.67 -9.19
C ALA B 32 20.66 8.29 -9.95
N SER B 33 19.75 7.57 -9.29
CA SER B 33 18.56 7.10 -10.00
C SER B 33 17.32 7.94 -9.70
N LEU B 34 17.49 8.99 -8.91
CA LEU B 34 16.39 9.90 -8.62
C LEU B 34 16.09 10.78 -9.84
N PRO B 35 14.83 11.18 -10.03
CA PRO B 35 14.54 12.05 -11.19
C PRO B 35 15.19 13.42 -11.04
N ALA B 36 15.92 13.81 -12.08
CA ALA B 36 16.58 15.09 -12.14
C ALA B 36 15.61 16.12 -12.68
N PRO B 37 15.68 17.38 -12.22
CA PRO B 37 16.59 17.87 -11.18
C PRO B 37 16.09 17.59 -9.78
N VAL B 38 17.01 17.22 -8.90
CA VAL B 38 16.72 16.96 -7.52
C VAL B 38 16.77 18.29 -6.79
N VAL B 39 15.68 18.57 -6.09
CA VAL B 39 15.49 19.80 -5.34
C VAL B 39 15.65 19.49 -3.88
N PHE B 40 16.37 20.35 -3.18
CA PHE B 40 16.59 20.18 -1.76
C PHE B 40 16.18 21.44 -1.00
N THR B 41 15.59 21.26 0.16
CA THR B 41 15.38 22.36 1.09
C THR B 41 15.46 21.72 2.47
N ASN B 42 15.64 22.54 3.51
CA ASN B 42 15.75 22.03 4.88
C ASN B 42 15.07 22.96 5.87
N GLY B 43 14.75 22.45 7.05
CA GLY B 43 14.11 23.26 8.07
C GLY B 43 13.73 22.45 9.29
N VAL B 44 13.19 23.12 10.31
CA VAL B 44 12.74 22.45 11.52
C VAL B 44 11.33 21.89 11.31
N PHE B 45 10.45 22.70 10.73
CA PHE B 45 9.08 22.30 10.46
C PHE B 45 8.40 21.74 11.71
N ASP B 46 8.42 22.52 12.78
CA ASP B 46 7.81 22.12 14.04
C ASP B 46 6.31 21.86 13.87
N ILE B 47 5.57 22.92 13.59
CA ILE B 47 4.13 22.81 13.41
C ILE B 47 3.85 23.24 11.99
N LEU B 48 3.29 22.33 11.19
CA LEU B 48 2.98 22.68 9.80
C LEU B 48 1.87 23.72 9.72
N HIS B 49 2.04 24.69 8.84
CA HIS B 49 0.94 25.56 8.50
C HIS B 49 0.86 25.66 6.99
N ARG B 50 -0.14 26.39 6.51
CA ARG B 50 -0.41 26.49 5.09
C ARG B 50 0.74 27.10 4.30
N GLY B 51 1.49 28.01 4.93
CA GLY B 51 2.63 28.59 4.26
C GLY B 51 3.69 27.54 3.96
N HIS B 52 3.91 26.62 4.91
CA HIS B 52 4.85 25.52 4.72
C HIS B 52 4.49 24.69 3.51
N VAL B 53 3.22 24.25 3.43
CA VAL B 53 2.85 23.32 2.39
C VAL B 53 2.79 24.06 1.06
N SER B 54 2.44 25.33 1.09
CA SER B 54 2.46 26.09 -0.16
C SER B 54 3.88 26.20 -0.66
N TYR B 55 4.79 26.48 0.27
CA TYR B 55 6.20 26.61 -0.05
C TYR B 55 6.78 25.29 -0.59
N LEU B 56 6.48 24.17 0.06
CA LEU B 56 7.03 22.89 -0.37
C LEU B 56 6.53 22.50 -1.75
N ALA B 57 5.28 22.81 -2.06
CA ALA B 57 4.75 22.55 -3.40
C ALA B 57 5.50 23.37 -4.46
N ASP B 58 5.74 24.64 -4.18
CA ASP B 58 6.50 25.50 -5.09
C ASP B 58 7.92 24.99 -5.26
N ALA B 59 8.51 24.48 -4.19
CA ALA B 59 9.85 23.94 -4.30
C ALA B 59 9.81 22.70 -5.19
N LYS B 60 8.78 21.86 -5.00
CA LYS B 60 8.65 20.66 -5.80
C LYS B 60 8.50 21.00 -7.28
N ALA B 61 7.71 22.02 -7.56
CA ALA B 61 7.47 22.44 -8.94
C ALA B 61 8.75 22.95 -9.63
N LEU B 62 9.80 23.27 -8.86
CA LEU B 62 11.06 23.69 -9.46
C LEU B 62 11.85 22.54 -10.10
N GLY B 63 11.48 21.32 -9.79
CA GLY B 63 12.27 20.16 -10.17
C GLY B 63 11.36 18.96 -10.38
N ALA B 64 11.97 17.78 -10.43
CA ALA B 64 11.24 16.55 -10.62
C ALA B 64 11.13 15.71 -9.32
N CYS B 65 11.81 16.15 -8.26
CA CYS B 65 11.98 15.35 -7.06
C CYS B 65 12.32 16.31 -5.91
N LEU B 66 11.70 16.13 -4.74
CA LEU B 66 11.94 17.01 -3.60
C LEU B 66 12.42 16.26 -2.37
N ILE B 67 13.53 16.72 -1.81
CA ILE B 67 14.11 16.12 -0.61
C ILE B 67 14.14 17.15 0.51
N VAL B 68 13.64 16.79 1.68
CA VAL B 68 13.60 17.73 2.81
C VAL B 68 14.57 17.34 3.96
N GLY B 69 15.46 18.25 4.33
CA GLY B 69 16.41 18.04 5.41
C GLY B 69 15.68 18.49 6.64
N VAL B 70 15.65 17.65 7.66
CA VAL B 70 14.95 18.00 8.89
C VAL B 70 15.95 18.10 10.01
N ASN B 71 16.05 19.27 10.64
CA ASN B 71 17.03 19.40 11.73
C ASN B 71 16.76 18.47 12.92
N SER B 72 17.75 17.79 13.49
CA SER B 72 17.46 16.95 14.67
C SER B 72 17.17 17.79 15.94
N ASP B 73 16.44 17.25 16.91
CA ASP B 73 16.16 18.00 18.13
C ASP B 73 17.46 18.67 18.54
N ALA B 74 18.50 17.86 18.68
CA ALA B 74 19.82 18.36 19.06
C ALA B 74 20.23 19.52 18.17
N SER B 75 20.08 19.36 16.86
CA SER B 75 20.44 20.43 15.94
C SER B 75 19.67 21.74 16.20
N VAL B 76 18.39 21.59 16.50
CA VAL B 76 17.52 22.71 16.79
C VAL B 76 17.95 23.47 18.03
N ARG B 77 18.62 22.79 18.96
CA ARG B 77 19.09 23.42 20.19
C ARG B 77 20.25 24.36 19.90
N MET B 78 20.93 24.16 18.79
CA MET B 78 22.02 25.03 18.44
C MET B 78 21.70 26.29 17.61
N LEU B 79 20.46 26.58 17.25
CA LEU B 79 20.26 27.81 16.50
C LEU B 79 19.22 28.71 17.08
N GLY B 80 19.22 30.01 16.68
CA GLY B 80 18.29 30.98 17.18
C GLY B 80 16.98 31.09 16.45
N LYS B 81 16.70 30.20 15.52
CA LYS B 81 15.44 30.24 14.78
C LYS B 81 14.25 29.84 15.66
N GLY B 82 13.17 30.62 15.60
CA GLY B 82 11.98 30.36 16.39
C GLY B 82 12.31 30.31 17.85
N ASP B 83 11.97 29.17 18.47
CA ASP B 83 12.22 28.88 19.85
C ASP B 83 13.42 27.96 19.93
N ASP B 84 14.13 27.98 21.07
CA ASP B 84 15.29 27.13 21.29
C ASP B 84 14.88 25.67 21.27
N ARG B 85 13.69 25.36 21.82
CA ARG B 85 13.25 23.96 21.73
C ARG B 85 12.06 23.70 20.80
N PRO B 86 11.92 22.45 20.32
CA PRO B 86 10.80 22.14 19.43
C PRO B 86 9.68 21.55 20.32
N ILE B 87 8.49 21.46 19.75
CA ILE B 87 7.28 20.94 20.37
C ILE B 87 7.09 19.49 19.95
N ASN B 88 7.61 19.15 18.78
CA ASN B 88 7.48 17.78 18.31
C ASN B 88 8.86 17.18 18.11
N VAL B 89 9.03 15.91 18.45
CA VAL B 89 10.32 15.27 18.26
C VAL B 89 10.60 15.08 16.77
N GLN B 90 11.87 14.89 16.44
CA GLN B 90 12.30 14.82 15.05
C GLN B 90 11.52 13.82 14.20
N GLU B 91 11.24 12.64 14.74
CA GLU B 91 10.57 11.64 13.91
C GLU B 91 9.12 12.05 13.60
N ASP B 92 8.48 12.80 14.48
CA ASP B 92 7.11 13.26 14.22
C ASP B 92 7.12 14.37 13.17
N ARG B 93 8.12 15.24 13.25
CA ARG B 93 8.25 16.33 12.29
C ARG B 93 8.56 15.76 10.91
N MET B 94 9.36 14.70 10.89
CA MET B 94 9.72 14.06 9.62
C MET B 94 8.51 13.29 9.05
N ALA B 95 7.77 12.60 9.90
CA ALA B 95 6.57 11.89 9.48
C ALA B 95 5.51 12.84 8.89
N LEU B 96 5.32 14.00 9.50
CA LEU B 96 4.35 14.96 8.99
C LEU B 96 4.69 15.35 7.56
N LEU B 97 5.96 15.71 7.35
CA LEU B 97 6.44 16.05 6.02
C LEU B 97 6.29 14.92 5.02
N ALA B 98 6.60 13.69 5.45
CA ALA B 98 6.58 12.57 4.54
C ALA B 98 5.16 12.30 4.03
N ALA B 99 4.17 12.71 4.82
CA ALA B 99 2.76 12.54 4.47
C ALA B 99 2.34 13.51 3.38
N LEU B 100 3.18 14.51 3.08
CA LEU B 100 2.77 15.48 2.08
C LEU B 100 2.95 14.92 0.68
N GLU B 101 1.97 15.18 -0.18
CA GLU B 101 2.00 14.68 -1.54
C GLU B 101 3.27 15.12 -2.29
N CYS B 102 3.67 16.36 -2.08
CA CYS B 102 4.72 16.93 -2.91
C CYS B 102 6.14 16.54 -2.46
N VAL B 103 6.27 15.93 -1.29
CA VAL B 103 7.56 15.59 -0.72
C VAL B 103 8.01 14.21 -1.18
N ASP B 104 9.26 14.04 -1.61
CA ASP B 104 9.66 12.67 -1.97
C ASP B 104 10.53 11.98 -0.90
N TRP B 105 11.43 12.73 -0.27
CA TRP B 105 12.35 12.11 0.68
C TRP B 105 12.54 13.04 1.83
N VAL B 106 12.54 12.49 3.04
CA VAL B 106 12.79 13.28 4.25
C VAL B 106 14.00 12.68 4.99
N VAL B 107 14.99 13.48 5.14
CA VAL B 107 16.22 13.06 5.84
C VAL B 107 16.50 13.95 7.06
N GLY B 108 16.89 13.37 8.19
CA GLY B 108 17.23 14.18 9.35
C GLY B 108 18.75 14.33 9.49
N PHE B 109 19.21 15.53 9.83
CA PHE B 109 20.64 15.78 9.99
C PHE B 109 20.94 16.30 11.39
N ASP B 110 22.11 16.03 11.97
CA ASP B 110 22.38 16.52 13.35
C ASP B 110 23.35 17.71 13.61
N GLU B 111 24.07 18.10 12.58
CA GLU B 111 25.06 19.16 12.52
C GLU B 111 24.34 20.48 12.68
N LYS B 112 25.09 21.55 12.91
CA LYS B 112 24.50 22.87 13.07
C LYS B 112 23.75 23.28 11.80
N THR B 113 24.38 23.08 10.65
CA THR B 113 23.79 23.43 9.36
C THR B 113 23.58 22.19 8.48
N PRO B 114 22.94 22.36 7.33
CA PRO B 114 22.70 21.21 6.43
C PRO B 114 23.80 20.99 5.39
N VAL B 115 24.92 21.67 5.60
CA VAL B 115 25.98 21.67 4.59
C VAL B 115 26.50 20.28 4.21
N SER B 116 26.84 19.49 5.21
CA SER B 116 27.34 18.13 4.99
C SER B 116 26.29 17.27 4.30
N LEU B 117 25.05 17.37 4.77
CA LEU B 117 23.95 16.59 4.19
C LEU B 117 23.83 16.90 2.70
N ILE B 118 23.85 18.20 2.38
CA ILE B 118 23.77 18.65 1.00
C ILE B 118 24.97 18.13 0.21
N GLU B 119 26.11 18.01 0.88
CA GLU B 119 27.29 17.43 0.26
C GLU B 119 26.96 15.97 -0.11
N ALA B 120 26.42 15.21 0.81
CA ALA B 120 26.10 13.83 0.55
C ALA B 120 25.00 13.53 -0.43
N VAL B 121 23.98 14.39 -0.39
CA VAL B 121 22.83 14.29 -1.27
C VAL B 121 23.13 14.84 -2.67
N HIS B 122 23.94 15.89 -2.78
CA HIS B 122 24.21 16.42 -4.10
C HIS B 122 23.00 16.91 -4.90
N PRO B 123 22.13 17.68 -4.28
CA PRO B 123 20.96 18.23 -5.00
C PRO B 123 21.35 19.14 -6.17
N ASP B 124 20.53 19.17 -7.22
CA ASP B 124 20.79 19.99 -8.39
C ASP B 124 20.24 21.39 -8.16
N ILE B 125 19.32 21.51 -7.22
CA ILE B 125 18.72 22.81 -6.92
C ILE B 125 18.48 23.00 -5.43
N LEU B 126 19.07 24.06 -4.87
CA LEU B 126 18.93 24.35 -3.46
C LEU B 126 17.96 25.50 -3.36
N VAL B 127 16.90 25.34 -2.57
CA VAL B 127 15.92 26.41 -2.51
C VAL B 127 15.63 26.77 -1.07
N LYS B 128 15.43 28.05 -0.83
CA LYS B 128 15.06 28.55 0.48
C LYS B 128 13.84 29.41 0.36
N GLY B 129 13.03 29.43 1.40
CA GLY B 129 11.83 30.26 1.41
C GLY B 129 12.07 31.55 2.15
N GLY B 130 11.69 32.67 1.52
CA GLY B 130 11.85 33.99 2.08
C GLY B 130 12.81 34.84 1.27
N ASP B 131 13.13 36.04 1.77
CA ASP B 131 14.07 36.90 1.08
C ASP B 131 15.32 36.57 1.88
N TYR B 132 16.18 35.71 1.36
CA TYR B 132 17.44 35.36 2.02
C TYR B 132 18.58 35.53 1.02
N ASP B 133 19.64 36.23 1.41
CA ASP B 133 20.79 36.39 0.53
C ASP B 133 21.34 34.99 0.36
N MET B 134 21.22 34.42 -0.83
CA MET B 134 21.67 33.05 -1.04
C MET B 134 23.19 33.07 -1.14
N ASP B 135 23.75 34.17 -1.63
CA ASP B 135 25.21 34.28 -1.76
C ASP B 135 25.95 34.16 -0.43
N ALA B 136 25.24 34.36 0.67
CA ALA B 136 25.86 34.30 1.99
C ALA B 136 25.85 32.89 2.56
N LEU B 137 25.25 31.95 1.85
CA LEU B 137 25.18 30.59 2.34
C LEU B 137 26.30 29.74 1.74
N PRO B 138 27.00 28.99 2.57
CA PRO B 138 28.03 28.09 2.03
C PRO B 138 27.43 27.09 1.02
N GLU B 139 26.28 26.51 1.33
CA GLU B 139 25.73 25.48 0.46
C GLU B 139 25.34 26.02 -0.91
N SER B 140 25.04 27.32 -1.00
CA SER B 140 24.78 27.88 -2.31
C SER B 140 26.00 27.78 -3.23
N ALA B 141 27.16 28.17 -2.73
CA ALA B 141 28.40 28.09 -3.51
C ALA B 141 28.69 26.65 -3.83
N LEU B 142 28.48 25.79 -2.85
CA LEU B 142 28.74 24.37 -3.05
C LEU B 142 27.91 23.85 -4.23
N VAL B 143 26.61 24.12 -4.19
CA VAL B 143 25.70 23.62 -5.20
C VAL B 143 25.98 24.27 -6.56
N ARG B 144 26.22 25.58 -6.55
CA ARG B 144 26.59 26.26 -7.78
C ARG B 144 27.93 25.74 -8.30
N GLY B 145 28.80 25.34 -7.37
CA GLY B 145 30.11 24.83 -7.74
C GLY B 145 30.09 23.62 -8.66
N TRP B 146 29.08 22.76 -8.55
CA TRP B 146 29.03 21.60 -9.43
C TRP B 146 27.99 21.74 -10.52
N GLY B 147 27.58 22.99 -10.79
CA GLY B 147 26.69 23.29 -11.90
C GLY B 147 25.21 23.36 -11.52
N GLY B 148 24.91 23.20 -10.24
CA GLY B 148 23.55 23.31 -9.72
C GLY B 148 23.05 24.75 -9.54
N ARG B 149 21.84 24.89 -8.99
CA ARG B 149 21.24 26.19 -8.73
C ARG B 149 20.88 26.38 -7.26
N ALA B 150 20.91 27.62 -6.81
CA ALA B 150 20.47 27.94 -5.47
C ALA B 150 19.63 29.21 -5.58
N LEU B 151 18.46 29.23 -4.96
CA LEU B 151 17.61 30.39 -5.12
C LEU B 151 16.63 30.50 -3.98
N ALA B 152 16.14 31.71 -3.77
CA ALA B 152 15.11 31.96 -2.77
C ALA B 152 13.75 32.12 -3.46
N ILE B 153 12.71 31.58 -2.85
CA ILE B 153 11.36 31.77 -3.37
C ILE B 153 10.50 32.22 -2.22
N PRO B 154 9.53 33.11 -2.50
CA PRO B 154 8.77 33.66 -1.37
C PRO B 154 8.03 32.59 -0.53
N PHE B 155 8.17 32.74 0.79
CA PHE B 155 7.58 31.89 1.80
C PHE B 155 6.72 32.72 2.77
N GLU B 156 5.46 32.35 2.93
CA GLU B 156 4.58 33.10 3.82
C GLU B 156 4.63 32.63 5.28
N HIS B 157 5.13 33.48 6.16
CA HIS B 157 5.23 33.16 7.58
C HIS B 157 3.92 33.54 8.27
N ASP B 158 3.58 32.81 9.33
CA ASP B 158 2.35 33.08 10.07
C ASP B 158 2.71 34.13 11.13
N ARG B 159 1.75 34.95 11.54
CA ARG B 159 2.01 35.99 12.52
C ARG B 159 2.48 35.39 13.83
N SER B 160 3.34 36.13 14.54
CA SER B 160 3.95 35.62 15.77
C SER B 160 2.92 35.20 16.80
N THR B 161 1.76 35.85 16.75
CA THR B 161 0.72 35.59 17.73
C THR B 161 0.14 34.23 17.52
N THR B 162 -0.27 34.00 16.29
CA THR B 162 -0.78 32.72 15.86
C THR B 162 0.24 31.63 16.20
N ALA B 163 1.51 31.90 15.86
CA ALA B 163 2.60 30.98 16.20
C ALA B 163 2.64 30.67 17.69
N LEU B 164 2.57 31.71 18.52
CA LEU B 164 2.61 31.49 19.97
C LEU B 164 1.38 30.78 20.45
N LEU B 165 0.25 31.00 19.78
CA LEU B 165 -0.99 30.35 20.14
C LEU B 165 -0.90 28.89 19.74
N LYS B 166 -0.19 28.63 18.64
CA LYS B 166 -0.06 27.29 18.08
C LYS B 166 0.77 26.41 19.01
N LYS B 167 1.88 26.98 19.43
CA LYS B 167 2.83 26.30 20.33
C LYS B 167 2.12 25.89 21.62
N VAL B 168 1.39 26.84 22.16
CA VAL B 168 0.62 26.66 23.39
C VAL B 168 -0.36 25.49 23.24
N ARG B 169 -1.04 25.51 22.12
CA ARG B 169 -2.04 24.48 21.78
C ARG B 169 -1.38 23.10 21.76
N ALA B 170 -0.23 23.06 21.10
CA ALA B 170 0.57 21.84 20.96
C ALA B 170 0.93 21.29 22.35
N GLN B 171 1.39 22.20 23.18
CA GLN B 171 1.79 21.89 24.56
C GLN B 171 0.62 21.26 25.32
N SER B 172 -0.52 21.91 25.17
CA SER B 172 -1.77 21.48 25.81
C SER B 172 -2.11 20.04 25.40
N ALA C 15 -2.24 -14.06 -19.63
CA ALA C 15 -1.40 -13.49 -20.68
C ALA C 15 -0.96 -12.06 -20.32
N SER C 16 -1.84 -11.32 -19.66
CA SER C 16 -1.50 -9.96 -19.26
C SER C 16 -0.41 -9.95 -18.20
N PHE C 17 -0.53 -10.83 -17.20
CA PHE C 17 0.45 -10.81 -16.10
C PHE C 17 1.75 -11.48 -16.51
N GLU C 18 1.75 -12.18 -17.63
CA GLU C 18 2.97 -12.81 -18.11
C GLU C 18 3.97 -11.77 -18.66
N ARG C 19 3.56 -10.52 -18.69
CA ARG C 19 4.47 -9.45 -19.10
C ARG C 19 5.49 -9.15 -17.99
N LYS C 20 5.34 -9.79 -16.81
CA LYS C 20 6.26 -9.55 -15.72
C LYS C 20 7.44 -10.50 -15.77
N LEU C 21 7.31 -11.54 -16.59
CA LEU C 21 8.38 -12.52 -16.76
C LEU C 21 9.43 -11.87 -17.63
N ILE C 22 10.65 -11.73 -17.10
CA ILE C 22 11.70 -11.09 -17.84
C ILE C 22 13.02 -11.78 -17.66
N THR C 23 13.80 -11.82 -18.74
CA THR C 23 15.11 -12.47 -18.71
C THR C 23 16.11 -11.56 -17.99
N ARG C 24 17.15 -12.16 -17.42
CA ARG C 24 18.13 -11.36 -16.71
C ARG C 24 18.62 -10.19 -17.56
N ASP C 25 18.90 -10.46 -18.84
CA ASP C 25 19.46 -9.44 -19.71
C ASP C 25 18.50 -8.29 -19.99
N ALA C 26 17.24 -8.61 -20.26
CA ALA C 26 16.28 -7.55 -20.51
C ALA C 26 16.09 -6.70 -19.25
N LEU C 27 16.10 -7.33 -18.07
CA LEU C 27 15.88 -6.62 -16.82
C LEU C 27 17.01 -5.67 -16.50
N ALA C 28 18.24 -6.14 -16.69
CA ALA C 28 19.43 -5.30 -16.49
C ALA C 28 19.40 -4.10 -17.43
N ALA C 29 18.97 -4.30 -18.67
CA ALA C 29 18.84 -3.18 -19.60
C ALA C 29 17.74 -2.19 -19.14
N MET C 30 16.67 -2.72 -18.57
CA MET C 30 15.55 -1.89 -18.10
C MET C 30 15.65 -1.41 -16.64
N ARG C 31 16.73 -1.77 -15.97
CA ARG C 31 16.94 -1.40 -14.56
C ARG C 31 17.04 0.10 -14.24
N ALA C 32 17.91 0.80 -14.97
CA ALA C 32 18.14 2.22 -14.77
C ALA C 32 16.87 3.07 -14.74
N SER C 33 15.83 2.65 -15.45
CA SER C 33 14.61 3.43 -15.48
C SER C 33 13.47 2.94 -14.53
N LEU C 34 13.77 1.94 -13.67
CA LEU C 34 12.83 1.52 -12.62
C LEU C 34 12.77 2.55 -11.49
N PRO C 35 11.59 2.69 -10.83
CA PRO C 35 11.42 3.68 -9.75
C PRO C 35 12.23 3.32 -8.51
N ALA C 36 12.95 4.26 -7.95
CA ALA C 36 13.67 3.95 -6.73
C ALA C 36 12.67 4.07 -5.59
N PRO C 37 12.85 3.26 -4.55
CA PRO C 37 13.84 2.20 -4.35
C PRO C 37 13.40 0.85 -4.95
N VAL C 38 14.32 0.13 -5.56
CA VAL C 38 14.04 -1.19 -6.11
C VAL C 38 14.25 -2.28 -5.07
N VAL C 39 13.22 -3.08 -4.86
CA VAL C 39 13.28 -4.17 -3.89
C VAL C 39 13.42 -5.51 -4.60
N PHE C 40 14.36 -6.32 -4.11
CA PHE C 40 14.63 -7.63 -4.68
C PHE C 40 14.50 -8.73 -3.63
N THR C 41 13.86 -9.82 -4.00
CA THR C 41 13.65 -10.95 -3.10
C THR C 41 13.71 -12.23 -3.95
N ASN C 42 14.25 -13.32 -3.41
CA ASN C 42 14.35 -14.55 -4.19
C ASN C 42 13.94 -15.79 -3.42
N GLY C 43 13.51 -16.82 -4.16
CA GLY C 43 13.10 -18.05 -3.53
C GLY C 43 12.66 -19.07 -4.54
N VAL C 44 12.30 -20.26 -4.04
CA VAL C 44 11.78 -21.31 -4.90
C VAL C 44 10.30 -21.11 -5.18
N PHE C 45 9.53 -20.82 -4.13
CA PHE C 45 8.08 -20.59 -4.24
C PHE C 45 7.36 -21.72 -4.96
N ASP C 46 7.61 -22.96 -4.51
CA ASP C 46 7.03 -24.15 -5.14
C ASP C 46 5.49 -24.15 -5.07
N ILE C 47 4.96 -24.09 -3.85
CA ILE C 47 3.52 -23.92 -3.66
C ILE C 47 3.28 -22.64 -2.85
N LEU C 48 2.56 -21.69 -3.44
CA LEU C 48 2.25 -20.45 -2.75
C LEU C 48 1.32 -20.69 -1.58
N HIS C 49 1.63 -20.07 -0.46
CA HIS C 49 0.73 -20.09 0.67
C HIS C 49 0.61 -18.67 1.20
N ARG C 50 -0.28 -18.50 2.17
CA ARG C 50 -0.55 -17.20 2.78
C ARG C 50 0.71 -16.50 3.27
N GLY C 51 1.67 -17.27 3.77
CA GLY C 51 2.91 -16.69 4.27
C GLY C 51 3.70 -16.00 3.17
N HIS C 52 3.77 -16.61 1.99
CA HIS C 52 4.44 -16.03 0.84
C HIS C 52 3.89 -14.68 0.42
N VAL C 53 2.57 -14.61 0.24
CA VAL C 53 1.96 -13.40 -0.32
C VAL C 53 1.97 -12.25 0.70
N SER C 54 1.90 -12.58 1.98
CA SER C 54 1.98 -11.57 3.04
C SER C 54 3.39 -10.96 3.09
N TYR C 55 4.39 -11.84 2.99
CA TYR C 55 5.77 -11.42 2.94
C TYR C 55 6.08 -10.58 1.71
N LEU C 56 5.62 -11.03 0.55
CA LEU C 56 5.87 -10.32 -0.70
C LEU C 56 5.18 -8.95 -0.68
N ALA C 57 3.98 -8.87 -0.09
CA ALA C 57 3.27 -7.61 0.04
C ALA C 57 4.08 -6.65 0.90
N ASP C 58 4.63 -7.18 1.99
CA ASP C 58 5.45 -6.39 2.89
C ASP C 58 6.71 -5.89 2.20
N ALA C 59 7.33 -6.73 1.36
CA ALA C 59 8.54 -6.32 0.64
C ALA C 59 8.23 -5.18 -0.35
N LYS C 60 7.10 -5.31 -1.03
CA LYS C 60 6.66 -4.30 -1.97
C LYS C 60 6.47 -2.98 -1.23
N ALA C 61 5.97 -3.08 0.00
CA ALA C 61 5.68 -1.89 0.79
C ALA C 61 6.94 -1.11 1.14
N LEU C 62 8.12 -1.74 1.02
CA LEU C 62 9.39 -1.07 1.33
C LEU C 62 9.90 -0.15 0.23
N GLY C 63 9.36 -0.29 -0.99
CA GLY C 63 9.94 0.39 -2.12
C GLY C 63 8.89 0.73 -3.14
N ALA C 64 9.30 1.10 -4.34
CA ALA C 64 8.36 1.44 -5.41
C ALA C 64 8.24 0.31 -6.40
N CYS C 65 9.06 -0.72 -6.23
CA CYS C 65 9.19 -1.75 -7.26
C CYS C 65 9.71 -3.03 -6.65
N LEU C 66 9.05 -4.15 -6.95
CA LEU C 66 9.49 -5.41 -6.37
C LEU C 66 9.83 -6.40 -7.48
N ILE C 67 11.06 -6.89 -7.41
CA ILE C 67 11.58 -7.92 -8.32
C ILE C 67 11.73 -9.21 -7.56
N VAL C 68 11.22 -10.29 -8.11
CA VAL C 68 11.37 -11.60 -7.46
C VAL C 68 12.22 -12.53 -8.33
N GLY C 69 13.29 -13.06 -7.74
CA GLY C 69 14.15 -14.04 -8.40
C GLY C 69 13.76 -15.48 -8.08
N VAL C 70 13.66 -16.31 -9.10
CA VAL C 70 13.14 -17.65 -8.90
C VAL C 70 14.14 -18.72 -9.34
N ASN C 71 14.58 -19.57 -8.41
CA ASN C 71 15.49 -20.68 -8.76
C ASN C 71 14.97 -21.52 -9.91
N SER C 72 15.83 -21.80 -10.88
CA SER C 72 15.53 -22.80 -11.90
C SER C 72 15.46 -24.18 -11.26
N ASP C 73 14.89 -25.14 -11.99
CA ASP C 73 14.77 -26.50 -11.49
C ASP C 73 16.13 -27.16 -11.19
N ALA C 74 17.11 -26.92 -12.05
CA ALA C 74 18.49 -27.33 -11.81
C ALA C 74 19.04 -26.73 -10.51
N SER C 75 18.81 -25.44 -10.35
CA SER C 75 19.29 -24.70 -9.18
C SER C 75 18.62 -25.10 -7.86
N VAL C 76 17.32 -25.34 -7.89
CA VAL C 76 16.62 -25.71 -6.66
C VAL C 76 17.33 -26.89 -6.01
N ARG C 77 17.45 -27.90 -6.84
CA ARG C 77 18.08 -29.17 -6.54
C ARG C 77 19.51 -28.98 -6.01
N MET C 78 20.22 -27.90 -6.33
CA MET C 78 21.61 -27.72 -5.86
C MET C 78 21.90 -27.77 -4.34
N LEU C 79 20.91 -27.33 -3.57
CA LEU C 79 20.98 -27.27 -2.13
C LEU C 79 21.03 -28.65 -1.49
N GLY C 80 20.41 -29.64 -2.13
CA GLY C 80 20.45 -30.97 -1.56
C GLY C 80 21.60 -31.77 -2.05
N LYS C 81 21.40 -33.10 -2.03
CA LYS C 81 22.35 -34.08 -2.48
C LYS C 81 21.97 -34.49 -3.89
N GLY C 82 21.01 -33.76 -4.50
CA GLY C 82 20.50 -34.04 -5.82
C GLY C 82 19.11 -34.62 -5.70
N ASP C 83 18.59 -34.77 -4.47
CA ASP C 83 17.28 -35.31 -4.21
C ASP C 83 16.24 -34.25 -4.01
N ASP C 84 16.66 -33.02 -3.62
CA ASP C 84 15.76 -31.94 -3.36
C ASP C 84 15.14 -31.44 -4.61
N ARG C 85 13.80 -31.57 -4.63
CA ARG C 85 13.01 -31.14 -5.77
C ARG C 85 11.77 -30.28 -5.61
N PRO C 86 11.56 -29.49 -6.67
CA PRO C 86 10.39 -28.62 -6.79
C PRO C 86 9.27 -29.29 -7.59
N ILE C 87 8.14 -29.41 -6.91
CA ILE C 87 6.90 -30.00 -7.39
C ILE C 87 6.43 -29.33 -8.69
N ASN C 88 6.65 -28.03 -8.80
CA ASN C 88 6.22 -27.29 -9.99
C ASN C 88 7.43 -26.85 -10.80
N VAL C 89 7.33 -26.86 -12.12
CA VAL C 89 8.42 -26.40 -12.96
C VAL C 89 8.64 -24.88 -12.81
N GLN C 90 9.84 -24.42 -13.14
CA GLN C 90 10.19 -23.01 -12.95
C GLN C 90 9.22 -22.06 -13.64
N GLU C 91 8.82 -22.39 -14.86
CA GLU C 91 7.98 -21.47 -15.63
C GLU C 91 6.61 -21.36 -14.96
N ASP C 92 6.17 -22.44 -14.34
CA ASP C 92 4.88 -22.41 -13.63
C ASP C 92 5.02 -21.69 -12.29
N ARG C 93 6.14 -21.93 -11.58
CA ARG C 93 6.37 -21.22 -10.34
C ARG C 93 6.46 -19.72 -10.63
N MET C 94 7.03 -19.36 -11.76
CA MET C 94 7.19 -17.96 -12.10
C MET C 94 5.88 -17.27 -12.49
N ALA C 95 5.02 -17.97 -13.24
CA ALA C 95 3.71 -17.42 -13.62
C ALA C 95 2.81 -17.10 -12.41
N LEU C 96 2.79 -17.98 -11.40
CA LEU C 96 2.01 -17.74 -10.18
C LEU C 96 2.47 -16.44 -9.53
N LEU C 97 3.78 -16.30 -9.33
CA LEU C 97 4.31 -15.07 -8.75
C LEU C 97 3.90 -13.87 -9.58
N ALA C 98 3.95 -14.00 -10.90
CA ALA C 98 3.60 -12.89 -11.77
C ALA C 98 2.14 -12.51 -11.65
N ALA C 99 1.29 -13.46 -11.28
CA ALA C 99 -0.14 -13.20 -11.13
C ALA C 99 -0.44 -12.32 -9.92
N LEU C 100 0.57 -12.09 -9.06
CA LEU C 100 0.41 -11.33 -7.83
C LEU C 100 0.41 -9.81 -8.06
N GLU C 101 -0.50 -9.12 -7.42
CA GLU C 101 -0.63 -7.69 -7.61
C GLU C 101 0.64 -6.96 -7.21
N CYS C 102 1.24 -7.40 -6.11
CA CYS C 102 2.35 -6.67 -5.54
C CYS C 102 3.67 -6.89 -6.25
N VAL C 103 3.74 -7.89 -7.11
CA VAL C 103 4.98 -8.22 -7.82
C VAL C 103 5.08 -7.45 -9.14
N ASP C 104 6.23 -6.85 -9.42
CA ASP C 104 6.40 -6.17 -10.69
C ASP C 104 7.15 -6.96 -11.76
N TRP C 105 8.15 -7.72 -11.36
CA TRP C 105 8.99 -8.43 -12.31
C TRP C 105 9.43 -9.75 -11.73
N VAL C 106 9.40 -10.79 -12.56
CA VAL C 106 9.85 -12.13 -12.16
C VAL C 106 10.97 -12.61 -13.10
N VAL C 107 12.12 -12.95 -12.51
CA VAL C 107 13.30 -13.40 -13.24
C VAL C 107 13.81 -14.73 -12.75
N GLY C 108 14.16 -15.63 -13.67
CA GLY C 108 14.80 -16.87 -13.27
C GLY C 108 16.31 -16.74 -13.14
N PHE C 109 16.92 -17.59 -12.31
CA PHE C 109 18.37 -17.72 -12.27
C PHE C 109 18.75 -19.19 -12.06
N ASP C 110 19.86 -19.59 -12.68
CA ASP C 110 20.30 -20.99 -12.73
C ASP C 110 21.36 -21.29 -11.66
N GLU C 111 22.11 -20.27 -11.27
CA GLU C 111 23.19 -20.46 -10.33
C GLU C 111 22.63 -20.97 -9.01
N LYS C 112 23.53 -21.42 -8.15
CA LYS C 112 23.14 -22.01 -6.89
C LYS C 112 22.64 -20.90 -5.94
N THR C 113 23.21 -19.72 -6.07
CA THR C 113 22.83 -18.55 -5.27
C THR C 113 22.40 -17.39 -6.18
N PRO C 114 21.63 -16.42 -5.65
CA PRO C 114 21.21 -15.34 -6.53
C PRO C 114 22.26 -14.24 -6.66
N VAL C 115 23.47 -14.51 -6.22
CA VAL C 115 24.51 -13.47 -6.11
C VAL C 115 24.79 -12.74 -7.42
N SER C 116 24.96 -13.48 -8.51
CA SER C 116 25.25 -12.83 -9.77
C SER C 116 23.99 -12.19 -10.34
N LEU C 117 22.83 -12.80 -10.10
CA LEU C 117 21.59 -12.18 -10.53
C LEU C 117 21.42 -10.82 -9.85
N ILE C 118 21.62 -10.80 -8.52
CA ILE C 118 21.51 -9.59 -7.73
C ILE C 118 22.53 -8.55 -8.16
N GLU C 119 23.68 -9.02 -8.62
CA GLU C 119 24.69 -8.11 -9.12
C GLU C 119 24.14 -7.42 -10.39
N ALA C 120 23.47 -8.19 -11.25
CA ALA C 120 22.94 -7.60 -12.47
C ALA C 120 21.75 -6.66 -12.19
N VAL C 121 20.91 -7.02 -11.22
CA VAL C 121 19.69 -6.25 -10.94
C VAL C 121 19.96 -4.98 -10.12
N HIS C 122 20.94 -5.05 -9.23
CA HIS C 122 21.32 -3.91 -8.39
C HIS C 122 20.18 -3.30 -7.57
N PRO C 123 19.49 -4.12 -6.79
CA PRO C 123 18.40 -3.63 -5.94
C PRO C 123 18.91 -2.61 -4.91
N ASP C 124 18.01 -1.73 -4.45
CA ASP C 124 18.34 -0.71 -3.47
C ASP C 124 18.05 -1.38 -2.13
N ILE C 125 17.16 -2.38 -2.14
CA ILE C 125 16.81 -3.10 -0.92
C ILE C 125 16.67 -4.58 -1.21
N LEU C 126 17.38 -5.38 -0.42
CA LEU C 126 17.32 -6.81 -0.52
C LEU C 126 16.55 -7.33 0.68
N VAL C 127 15.56 -8.17 0.45
CA VAL C 127 14.79 -8.68 1.57
C VAL C 127 14.67 -10.21 1.51
N LYS C 128 14.73 -10.83 2.68
CA LYS C 128 14.52 -12.26 2.79
C LYS C 128 13.43 -12.53 3.84
N GLY C 129 12.65 -13.58 3.64
CA GLY C 129 11.60 -13.93 4.58
C GLY C 129 12.01 -15.03 5.56
N GLY C 130 11.83 -14.78 6.84
CA GLY C 130 12.22 -15.70 7.90
C GLY C 130 13.24 -15.11 8.88
N ASP C 131 13.73 -15.95 9.79
CA ASP C 131 14.76 -15.55 10.74
C ASP C 131 16.09 -15.97 10.15
N TYR C 132 16.60 -15.12 9.27
CA TYR C 132 17.90 -15.37 8.68
C TYR C 132 18.90 -14.40 9.25
N ASP C 133 20.14 -14.85 9.33
CA ASP C 133 21.21 -13.93 9.67
C ASP C 133 21.65 -13.28 8.35
N MET C 134 21.25 -12.04 8.14
CA MET C 134 21.60 -11.37 6.90
C MET C 134 23.11 -11.25 6.73
N ASP C 135 23.85 -11.07 7.82
CA ASP C 135 25.31 -10.94 7.74
C ASP C 135 26.02 -12.20 7.19
N ALA C 136 25.33 -13.33 7.20
CA ALA C 136 25.91 -14.58 6.70
C ALA C 136 25.62 -14.77 5.21
N LEU C 137 24.88 -13.86 4.61
CA LEU C 137 24.53 -13.97 3.20
C LEU C 137 25.51 -13.18 2.34
N PRO C 138 26.04 -13.81 1.31
CA PRO C 138 26.95 -13.11 0.39
C PRO C 138 26.23 -11.93 -0.23
N GLU C 139 24.98 -12.15 -0.63
CA GLU C 139 24.24 -11.10 -1.30
C GLU C 139 24.01 -9.90 -0.38
N SER C 140 23.94 -10.11 0.93
CA SER C 140 23.81 -9.00 1.88
C SER C 140 25.01 -8.07 1.84
N ALA C 141 26.20 -8.68 1.86
CA ALA C 141 27.42 -7.90 1.80
C ALA C 141 27.45 -7.20 0.46
N LEU C 142 27.05 -7.91 -0.60
CA LEU C 142 27.05 -7.30 -1.93
C LEU C 142 26.21 -6.03 -1.98
N VAL C 143 24.95 -6.12 -1.54
CA VAL C 143 24.03 -4.99 -1.64
C VAL C 143 24.51 -3.84 -0.76
N ARG C 144 24.92 -4.15 0.46
CA ARG C 144 25.47 -3.17 1.38
C ARG C 144 26.74 -2.55 0.81
N GLY C 145 27.44 -3.29 -0.02
CA GLY C 145 28.64 -2.79 -0.66
C GLY C 145 28.40 -1.52 -1.50
N TRP C 146 27.21 -1.37 -2.10
CA TRP C 146 26.95 -0.14 -2.85
C TRP C 146 25.99 0.77 -2.11
N GLY C 147 25.80 0.51 -0.82
CA GLY C 147 24.99 1.38 -0.01
C GLY C 147 23.54 0.91 0.08
N GLY C 148 23.21 -0.24 -0.47
CA GLY C 148 21.84 -0.72 -0.39
C GLY C 148 21.51 -1.24 1.00
N ARG C 149 20.29 -1.70 1.20
CA ARG C 149 19.88 -2.21 2.49
C ARG C 149 19.43 -3.68 2.35
N ALA C 150 19.65 -4.45 3.42
CA ALA C 150 19.34 -5.87 3.44
C ALA C 150 18.69 -6.21 4.76
N LEU C 151 17.62 -6.99 4.74
CA LEU C 151 16.97 -7.32 5.99
C LEU C 151 16.02 -8.51 5.83
N ALA C 152 15.83 -9.26 6.90
CA ALA C 152 14.94 -10.41 6.83
C ALA C 152 13.60 -9.97 7.35
N ILE C 153 12.50 -10.44 6.76
CA ILE C 153 11.26 -9.92 7.35
C ILE C 153 10.54 -11.11 8.01
N PRO C 154 9.65 -10.88 8.97
CA PRO C 154 8.95 -11.99 9.61
C PRO C 154 8.16 -12.88 8.63
N PHE C 155 8.62 -14.11 8.46
CA PHE C 155 7.97 -15.10 7.61
C PHE C 155 7.37 -16.05 8.63
N GLU C 156 6.05 -16.15 8.61
CA GLU C 156 5.33 -17.12 9.43
C GLU C 156 4.59 -17.88 8.34
N HIS C 157 5.21 -18.90 7.73
CA HIS C 157 4.53 -19.56 6.62
C HIS C 157 3.34 -20.42 7.00
N ASP C 158 2.57 -20.74 5.98
CA ASP C 158 1.38 -21.58 6.07
C ASP C 158 1.89 -23.00 6.13
N ARG C 159 1.97 -23.55 7.34
CA ARG C 159 2.49 -24.89 7.57
C ARG C 159 1.76 -26.05 6.88
N SER C 160 0.45 -25.93 6.70
CA SER C 160 -0.37 -26.99 6.09
C SER C 160 0.14 -27.47 4.73
N THR C 161 0.90 -26.62 4.06
CA THR C 161 1.45 -26.96 2.74
C THR C 161 2.94 -27.30 2.80
N THR C 162 3.69 -26.46 3.51
CA THR C 162 5.13 -26.66 3.67
C THR C 162 5.50 -27.94 4.42
N ALA C 163 4.73 -28.24 5.47
CA ALA C 163 4.98 -29.44 6.28
C ALA C 163 4.69 -30.67 5.43
N LEU C 164 3.54 -30.63 4.75
CA LEU C 164 3.15 -31.75 3.91
C LEU C 164 4.12 -31.93 2.76
N LEU C 165 4.81 -30.87 2.37
CA LEU C 165 5.71 -30.98 1.22
C LEU C 165 6.96 -31.66 1.72
N LYS C 166 7.20 -31.54 3.01
CA LYS C 166 8.36 -32.15 3.65
C LYS C 166 8.17 -33.65 3.78
N LYS C 167 7.02 -34.03 4.33
CA LYS C 167 6.63 -35.42 4.39
C LYS C 167 6.71 -36.09 3.02
N VAL C 168 6.11 -35.44 2.00
CA VAL C 168 6.13 -35.95 0.61
C VAL C 168 7.54 -36.27 0.17
N ARG C 169 8.49 -35.40 0.52
CA ARG C 169 9.89 -35.60 0.14
C ARG C 169 10.54 -36.69 0.98
N ALA C 170 10.25 -36.66 2.27
CA ALA C 170 10.79 -37.65 3.21
C ALA C 170 10.34 -39.05 2.90
N GLN C 171 9.13 -39.18 2.36
CA GLN C 171 8.56 -40.50 2.08
C GLN C 171 9.16 -41.26 0.90
N SER C 172 9.15 -40.64 -0.27
CA SER C 172 9.65 -41.27 -1.49
C SER C 172 11.15 -41.50 -1.42
N ALA D 15 -2.29 -6.58 4.05
CA ALA D 15 -3.09 -5.39 4.30
C ALA D 15 -3.56 -4.76 2.99
N SER D 16 -2.69 -4.80 1.99
CA SER D 16 -2.99 -4.22 0.69
C SER D 16 -4.12 -4.97 0.00
N PHE D 17 -4.02 -6.30 -0.03
CA PHE D 17 -5.03 -7.08 -0.71
C PHE D 17 -6.22 -7.49 0.18
N GLU D 18 -6.05 -7.39 1.49
CA GLU D 18 -7.13 -7.71 2.41
C GLU D 18 -8.30 -6.73 2.24
N ARG D 19 -8.05 -5.67 1.48
CA ARG D 19 -9.06 -4.66 1.23
C ARG D 19 -10.13 -5.30 0.32
N LYS D 20 -9.77 -6.39 -0.38
CA LYS D 20 -10.73 -7.07 -1.25
C LYS D 20 -11.65 -8.07 -0.55
N LEU D 21 -11.33 -8.42 0.68
CA LEU D 21 -12.15 -9.36 1.44
C LEU D 21 -13.38 -8.60 1.88
N ILE D 22 -14.56 -9.04 1.44
CA ILE D 22 -15.76 -8.34 1.80
C ILE D 22 -16.89 -9.31 2.00
N THR D 23 -17.84 -8.93 2.86
CA THR D 23 -18.99 -9.76 3.15
C THR D 23 -20.08 -9.56 2.11
N ARG D 24 -20.88 -10.60 1.90
CA ARG D 24 -21.97 -10.57 0.92
C ARG D 24 -22.88 -9.34 1.00
N ASP D 25 -23.17 -8.87 2.22
CA ASP D 25 -24.06 -7.72 2.39
C ASP D 25 -23.40 -6.41 1.97
N ALA D 26 -22.16 -6.18 2.42
CA ALA D 26 -21.45 -4.97 2.06
C ALA D 26 -21.22 -4.90 0.57
N LEU D 27 -20.91 -6.03 -0.05
CA LEU D 27 -20.70 -6.04 -1.50
C LEU D 27 -21.99 -5.77 -2.22
N ALA D 28 -23.07 -6.38 -1.74
CA ALA D 28 -24.40 -6.18 -2.33
C ALA D 28 -24.80 -4.72 -2.29
N ALA D 29 -24.47 -4.01 -1.21
CA ALA D 29 -24.75 -2.56 -1.13
C ALA D 29 -23.93 -1.74 -2.12
N MET D 30 -22.68 -2.16 -2.39
CA MET D 30 -21.80 -1.44 -3.32
C MET D 30 -22.02 -1.79 -4.77
N ARG D 31 -22.74 -2.90 -4.99
CA ARG D 31 -22.91 -3.45 -6.33
C ARG D 31 -23.30 -2.41 -7.38
N ALA D 32 -24.20 -1.51 -7.02
CA ALA D 32 -24.70 -0.54 -7.98
C ALA D 32 -23.59 0.36 -8.51
N SER D 33 -22.49 0.47 -7.77
CA SER D 33 -21.39 1.35 -8.18
C SER D 33 -20.19 0.61 -8.78
N LEU D 34 -20.30 -0.71 -8.93
CA LEU D 34 -19.22 -1.47 -9.55
C LEU D 34 -19.16 -1.27 -11.06
N PRO D 35 -17.95 -1.32 -11.65
CA PRO D 35 -17.83 -1.15 -13.09
C PRO D 35 -18.43 -2.33 -13.86
N ALA D 36 -19.32 -2.06 -14.82
CA ALA D 36 -19.92 -3.10 -15.67
C ALA D 36 -19.00 -3.41 -16.84
N PRO D 37 -19.01 -4.67 -17.32
CA PRO D 37 -19.78 -5.77 -16.76
C PRO D 37 -19.11 -6.45 -15.57
N VAL D 38 -19.90 -6.76 -14.56
CA VAL D 38 -19.41 -7.44 -13.37
C VAL D 38 -19.38 -8.96 -13.59
N VAL D 39 -18.22 -9.56 -13.41
CA VAL D 39 -18.04 -10.99 -13.64
C VAL D 39 -17.92 -11.75 -12.33
N PHE D 40 -18.62 -12.88 -12.22
CA PHE D 40 -18.59 -13.72 -11.02
C PHE D 40 -18.15 -15.15 -11.34
N THR D 41 -17.33 -15.71 -10.46
CA THR D 41 -17.01 -17.12 -10.53
C THR D 41 -16.85 -17.60 -9.09
N ASN D 42 -16.89 -18.92 -8.89
CA ASN D 42 -16.78 -19.45 -7.54
C ASN D 42 -16.01 -20.74 -7.55
N GLY D 43 -15.45 -21.11 -6.40
CA GLY D 43 -14.71 -22.35 -6.33
C GLY D 43 -14.08 -22.51 -4.97
N VAL D 44 -13.38 -23.61 -4.76
CA VAL D 44 -12.71 -23.87 -3.50
C VAL D 44 -11.33 -23.21 -3.53
N PHE D 45 -10.62 -23.39 -4.64
CA PHE D 45 -9.30 -22.82 -4.83
C PHE D 45 -8.39 -23.19 -3.67
N ASP D 46 -8.31 -24.48 -3.37
CA ASP D 46 -7.47 -24.95 -2.27
C ASP D 46 -6.00 -24.60 -2.49
N ILE D 47 -5.43 -25.10 -3.58
CA ILE D 47 -4.06 -24.77 -3.92
C ILE D 47 -4.01 -24.10 -5.26
N LEU D 48 -3.54 -22.86 -5.30
CA LEU D 48 -3.48 -22.16 -6.58
C LEU D 48 -2.42 -22.84 -7.47
N HIS D 49 -2.75 -23.07 -8.73
CA HIS D 49 -1.77 -23.52 -9.69
C HIS D 49 -1.92 -22.64 -10.91
N ARG D 50 -1.08 -22.86 -11.92
CA ARG D 50 -1.09 -21.97 -13.08
C ARG D 50 -2.43 -21.98 -13.83
N GLY D 51 -3.12 -23.12 -13.78
CA GLY D 51 -4.39 -23.21 -14.45
C GLY D 51 -5.39 -22.26 -13.83
N HIS D 52 -5.38 -22.19 -12.49
CA HIS D 52 -6.27 -21.26 -11.76
C HIS D 52 -6.07 -19.81 -12.16
N VAL D 53 -4.82 -19.34 -12.14
CA VAL D 53 -4.58 -17.92 -12.39
C VAL D 53 -4.76 -17.59 -13.87
N SER D 54 -4.53 -18.54 -14.78
CA SER D 54 -4.80 -18.30 -16.19
C SER D 54 -6.30 -18.11 -16.41
N TYR D 55 -7.05 -19.02 -15.79
CA TYR D 55 -8.51 -19.01 -15.86
C TYR D 55 -9.10 -17.74 -15.22
N LEU D 56 -8.59 -17.37 -14.05
CA LEU D 56 -9.10 -16.15 -13.39
C LEU D 56 -8.77 -14.93 -14.25
N ALA D 57 -7.59 -14.92 -14.86
CA ALA D 57 -7.20 -13.84 -15.79
C ALA D 57 -8.14 -13.80 -17.00
N ASP D 58 -8.45 -14.97 -17.54
CA ASP D 58 -9.41 -15.05 -18.64
C ASP D 58 -10.83 -14.58 -18.23
N ALA D 59 -11.25 -14.90 -17.01
CA ALA D 59 -12.56 -14.46 -16.54
C ALA D 59 -12.61 -12.94 -16.38
N LYS D 60 -11.55 -12.37 -15.84
CA LYS D 60 -11.46 -10.94 -15.67
C LYS D 60 -11.57 -10.21 -17.01
N ALA D 61 -10.94 -10.78 -18.05
CA ALA D 61 -10.96 -10.16 -19.36
C ALA D 61 -12.37 -10.08 -19.94
N LEU D 62 -13.30 -10.85 -19.40
CA LEU D 62 -14.68 -10.81 -19.87
C LEU D 62 -15.40 -9.55 -19.37
N GLY D 63 -14.82 -8.86 -18.39
CA GLY D 63 -15.53 -7.76 -17.76
C GLY D 63 -14.65 -6.65 -17.21
N ALA D 64 -15.25 -5.80 -16.40
CA ALA D 64 -14.54 -4.68 -15.79
C ALA D 64 -14.25 -4.94 -14.31
N CYS D 65 -14.78 -6.03 -13.78
CA CYS D 65 -14.76 -6.29 -12.36
C CYS D 65 -14.97 -7.78 -12.11
N LEU D 66 -14.08 -8.40 -11.32
CA LEU D 66 -14.19 -9.83 -11.09
C LEU D 66 -14.35 -10.12 -9.62
N ILE D 67 -15.46 -10.78 -9.31
CA ILE D 67 -15.78 -11.25 -7.97
C ILE D 67 -15.60 -12.78 -7.94
N VAL D 68 -14.91 -13.29 -6.92
CA VAL D 68 -14.77 -14.71 -6.76
C VAL D 68 -15.42 -15.12 -5.43
N GLY D 69 -16.40 -16.03 -5.50
CA GLY D 69 -17.02 -16.59 -4.30
C GLY D 69 -16.25 -17.85 -3.89
N VAL D 70 -15.95 -17.97 -2.60
CA VAL D 70 -15.13 -19.07 -2.08
C VAL D 70 -15.88 -19.86 -1.01
N ASN D 71 -16.07 -21.16 -1.23
CA ASN D 71 -16.71 -22.04 -0.24
C ASN D 71 -16.09 -21.99 1.13
N SER D 72 -16.91 -21.87 2.17
CA SER D 72 -16.39 -22.07 3.53
C SER D 72 -16.02 -23.54 3.69
N ASP D 73 -15.20 -23.83 4.70
CA ASP D 73 -14.77 -25.19 4.96
C ASP D 73 -15.99 -26.06 5.26
N ALA D 74 -16.90 -25.51 6.05
CA ALA D 74 -18.13 -26.21 6.40
C ALA D 74 -18.84 -26.56 5.11
N SER D 75 -19.09 -25.57 4.27
CA SER D 75 -19.76 -25.81 3.00
C SER D 75 -18.97 -26.86 2.23
N VAL D 76 -17.65 -26.89 2.39
CA VAL D 76 -16.82 -27.86 1.64
C VAL D 76 -17.07 -29.35 1.88
N ARG D 77 -17.37 -29.69 3.14
CA ARG D 77 -17.63 -31.06 3.54
C ARG D 77 -18.92 -31.57 2.92
N MET D 78 -19.78 -30.66 2.47
CA MET D 78 -21.07 -31.04 1.87
C MET D 78 -21.04 -31.72 0.48
N LEU D 79 -19.95 -31.56 -0.27
CA LEU D 79 -19.84 -32.15 -1.60
C LEU D 79 -18.67 -33.13 -1.72
N GLY D 80 -18.82 -34.17 -2.57
CA GLY D 80 -17.79 -35.18 -2.73
C GLY D 80 -16.95 -34.76 -3.90
N LYS D 81 -16.07 -33.78 -3.72
CA LYS D 81 -15.15 -33.38 -4.78
C LYS D 81 -13.76 -33.64 -4.18
N GLY D 82 -13.17 -34.77 -4.56
CA GLY D 82 -11.91 -35.26 -4.07
C GLY D 82 -12.17 -35.78 -2.69
N ASP D 83 -11.52 -35.15 -1.69
CA ASP D 83 -11.69 -35.47 -0.30
C ASP D 83 -12.61 -34.41 0.24
N ASP D 84 -13.37 -34.77 1.30
CA ASP D 84 -14.29 -33.86 1.93
C ASP D 84 -13.60 -32.71 2.61
N ARG D 85 -12.26 -32.84 2.93
CA ARG D 85 -11.62 -31.68 3.52
C ARG D 85 -10.52 -31.02 2.72
N PRO D 86 -10.56 -29.69 2.77
CA PRO D 86 -9.59 -28.84 2.09
C PRO D 86 -8.36 -28.68 2.98
N ILE D 87 -7.23 -28.51 2.30
CA ILE D 87 -5.93 -28.34 2.92
C ILE D 87 -5.78 -26.97 3.57
N ASN D 88 -6.36 -25.94 2.96
CA ASN D 88 -6.26 -24.60 3.53
C ASN D 88 -7.61 -24.12 4.08
N VAL D 89 -7.58 -23.42 5.20
CA VAL D 89 -8.81 -22.86 5.78
C VAL D 89 -9.37 -21.80 4.84
N GLN D 90 -10.66 -21.52 4.95
CA GLN D 90 -11.32 -20.59 4.05
C GLN D 90 -10.61 -19.24 3.99
N GLU D 91 -10.18 -18.76 5.14
CA GLU D 91 -9.57 -17.43 5.25
C GLU D 91 -8.30 -17.36 4.44
N ASP D 92 -7.55 -18.46 4.43
CA ASP D 92 -6.29 -18.56 3.70
C ASP D 92 -6.49 -18.71 2.20
N ARG D 93 -7.50 -19.49 1.87
CA ARG D 93 -7.81 -19.68 0.48
C ARG D 93 -8.26 -18.32 -0.07
N MET D 94 -8.99 -17.57 0.73
CA MET D 94 -9.50 -16.27 0.31
C MET D 94 -8.38 -15.23 0.24
N ALA D 95 -7.46 -15.28 1.19
CA ALA D 95 -6.32 -14.36 1.15
C ALA D 95 -5.49 -14.52 -0.14
N LEU D 96 -5.26 -15.76 -0.56
CA LEU D 96 -4.50 -16.08 -1.77
C LEU D 96 -5.13 -15.49 -3.03
N LEU D 97 -6.43 -15.70 -3.20
CA LEU D 97 -7.15 -15.11 -4.33
C LEU D 97 -7.08 -13.59 -4.33
N ALA D 98 -7.21 -13.02 -3.14
CA ALA D 98 -7.21 -11.56 -2.97
C ALA D 98 -5.83 -10.97 -3.34
N ALA D 99 -4.78 -11.79 -3.20
CA ALA D 99 -3.43 -11.39 -3.55
C ALA D 99 -3.27 -11.32 -5.07
N LEU D 100 -4.24 -11.86 -5.82
CA LEU D 100 -4.11 -11.89 -7.28
C LEU D 100 -4.45 -10.57 -7.93
N GLU D 101 -3.68 -10.19 -8.93
CA GLU D 101 -3.91 -8.91 -9.58
C GLU D 101 -5.27 -8.80 -10.27
N CYS D 102 -5.72 -9.87 -10.90
CA CYS D 102 -6.92 -9.77 -11.72
C CYS D 102 -8.22 -9.85 -10.93
N VAL D 103 -8.14 -10.20 -9.64
CA VAL D 103 -9.32 -10.33 -8.76
C VAL D 103 -9.64 -9.02 -8.05
N ASP D 104 -10.90 -8.60 -8.05
CA ASP D 104 -11.25 -7.35 -7.36
C ASP D 104 -11.92 -7.60 -5.99
N TRP D 105 -12.71 -8.67 -5.91
CA TRP D 105 -13.47 -8.94 -4.69
C TRP D 105 -13.52 -10.42 -4.37
N VAL D 106 -13.30 -10.76 -3.11
CA VAL D 106 -13.40 -12.14 -2.67
C VAL D 106 -14.46 -12.24 -1.56
N VAL D 107 -15.48 -13.07 -1.79
CA VAL D 107 -16.60 -13.29 -0.87
C VAL D 107 -16.73 -14.76 -0.48
N GLY D 108 -16.81 -15.05 0.82
CA GLY D 108 -17.06 -16.41 1.25
C GLY D 108 -18.55 -16.73 1.23
N PHE D 109 -18.92 -17.99 1.08
CA PHE D 109 -20.31 -18.39 1.26
C PHE D 109 -20.37 -19.76 1.93
N ASP D 110 -21.40 -19.93 2.76
CA ASP D 110 -21.58 -21.14 3.58
C ASP D 110 -22.53 -22.17 2.97
N GLU D 111 -23.47 -21.73 2.15
CA GLU D 111 -24.45 -22.62 1.54
C GLU D 111 -23.69 -23.63 0.69
N LYS D 112 -24.37 -24.67 0.22
CA LYS D 112 -23.69 -25.68 -0.58
C LYS D 112 -23.40 -25.15 -1.99
N THR D 113 -24.26 -24.26 -2.45
CA THR D 113 -24.15 -23.65 -3.78
C THR D 113 -24.10 -22.11 -3.67
N PRO D 114 -23.53 -21.44 -4.71
CA PRO D 114 -23.42 -19.97 -4.70
C PRO D 114 -24.68 -19.25 -5.17
N VAL D 115 -25.78 -19.97 -5.23
CA VAL D 115 -27.02 -19.42 -5.79
C VAL D 115 -27.47 -18.17 -5.06
N SER D 116 -27.51 -18.24 -3.74
CA SER D 116 -27.98 -17.10 -2.96
C SER D 116 -26.90 -16.00 -2.91
N LEU D 117 -25.62 -16.39 -2.92
CA LEU D 117 -24.55 -15.39 -3.04
C LEU D 117 -24.68 -14.66 -4.38
N ILE D 118 -24.84 -15.44 -5.45
CA ILE D 118 -25.00 -14.86 -6.78
C ILE D 118 -26.23 -13.98 -6.90
N GLU D 119 -27.32 -14.32 -6.21
CA GLU D 119 -28.49 -13.45 -6.24
C GLU D 119 -28.20 -12.10 -5.59
N ALA D 120 -27.49 -12.12 -4.48
CA ALA D 120 -27.21 -10.87 -3.75
C ALA D 120 -26.23 -9.99 -4.51
N VAL D 121 -25.27 -10.62 -5.17
CA VAL D 121 -24.21 -9.92 -5.89
C VAL D 121 -24.69 -9.41 -7.26
N HIS D 122 -25.60 -10.15 -7.88
CA HIS D 122 -26.17 -9.76 -9.18
C HIS D 122 -25.19 -9.55 -10.35
N PRO D 123 -24.25 -10.50 -10.56
CA PRO D 123 -23.34 -10.38 -11.71
C PRO D 123 -23.98 -10.20 -13.10
N ASP D 124 -23.27 -9.53 -13.99
CA ASP D 124 -23.67 -9.40 -15.39
C ASP D 124 -23.22 -10.61 -16.22
N ILE D 125 -22.16 -11.26 -15.75
CA ILE D 125 -21.58 -12.44 -16.40
C ILE D 125 -21.19 -13.51 -15.39
N LEU D 126 -21.68 -14.73 -15.60
CA LEU D 126 -21.30 -15.86 -14.76
C LEU D 126 -20.43 -16.78 -15.58
N VAL D 127 -19.25 -17.11 -15.07
CA VAL D 127 -18.33 -17.98 -15.81
C VAL D 127 -17.81 -19.15 -14.99
N LYS D 128 -17.76 -20.31 -15.63
CA LYS D 128 -17.27 -21.53 -15.00
C LYS D 128 -16.19 -22.17 -15.88
N GLY D 129 -15.18 -22.66 -15.18
CA GLY D 129 -14.00 -23.19 -15.79
C GLY D 129 -14.18 -24.65 -16.07
N GLY D 130 -13.54 -25.10 -17.14
CA GLY D 130 -13.62 -26.49 -17.56
C GLY D 130 -14.84 -26.63 -18.43
N ASP D 131 -15.21 -27.86 -18.74
CA ASP D 131 -16.38 -28.13 -19.58
C ASP D 131 -17.56 -28.47 -18.65
N TYR D 132 -18.53 -27.57 -18.57
CA TYR D 132 -19.70 -27.72 -17.70
C TYR D 132 -20.96 -27.29 -18.45
N ASP D 133 -22.06 -28.01 -18.24
CA ASP D 133 -23.30 -27.67 -18.92
C ASP D 133 -23.84 -26.44 -18.19
N MET D 134 -23.73 -25.26 -18.79
CA MET D 134 -24.22 -24.07 -18.06
C MET D 134 -25.73 -24.09 -17.88
N ASP D 135 -26.40 -24.79 -18.78
CA ASP D 135 -27.85 -24.91 -18.75
C ASP D 135 -28.38 -25.78 -17.60
N ALA D 136 -27.51 -26.61 -17.03
CA ALA D 136 -27.93 -27.47 -15.94
C ALA D 136 -27.82 -26.78 -14.60
N LEU D 137 -27.27 -25.56 -14.59
CA LEU D 137 -27.05 -24.84 -13.33
C LEU D 137 -28.16 -23.86 -13.03
N PRO D 138 -28.67 -23.89 -11.80
CA PRO D 138 -29.70 -22.93 -11.40
C PRO D 138 -29.22 -21.49 -11.56
N GLU D 139 -27.97 -21.22 -11.19
CA GLU D 139 -27.48 -19.84 -11.25
C GLU D 139 -27.40 -19.29 -12.68
N SER D 140 -27.18 -20.16 -13.66
CA SER D 140 -27.22 -19.74 -15.07
C SER D 140 -28.59 -19.23 -15.46
N ALA D 141 -29.64 -19.93 -15.06
CA ALA D 141 -31.00 -19.50 -15.35
C ALA D 141 -31.26 -18.17 -14.67
N LEU D 142 -30.79 -18.03 -13.43
CA LEU D 142 -30.98 -16.80 -12.67
C LEU D 142 -30.33 -15.60 -13.38
N VAL D 143 -29.06 -15.74 -13.74
CA VAL D 143 -28.29 -14.66 -14.35
C VAL D 143 -28.88 -14.27 -15.69
N ARG D 144 -29.22 -15.28 -16.48
CA ARG D 144 -29.89 -15.06 -17.76
C ARG D 144 -31.26 -14.41 -17.56
N GLY D 145 -31.89 -14.71 -16.44
CA GLY D 145 -33.20 -14.17 -16.12
C GLY D 145 -33.29 -12.65 -16.11
N TRP D 146 -32.19 -11.99 -15.76
CA TRP D 146 -32.14 -10.53 -15.82
C TRP D 146 -31.23 -10.01 -16.94
N GLY D 147 -30.94 -10.85 -17.93
CA GLY D 147 -30.22 -10.39 -19.11
C GLY D 147 -28.73 -10.58 -19.10
N GLY D 148 -28.22 -11.22 -18.05
CA GLY D 148 -26.80 -11.50 -17.93
C GLY D 148 -26.42 -12.67 -18.81
N ARG D 149 -25.14 -13.04 -18.78
CA ARG D 149 -24.64 -14.14 -19.58
C ARG D 149 -24.05 -15.25 -18.71
N ALA D 150 -24.10 -16.48 -19.21
CA ALA D 150 -23.46 -17.58 -18.48
C ALA D 150 -22.71 -18.41 -19.49
N LEU D 151 -21.45 -18.71 -19.19
CA LEU D 151 -20.66 -19.42 -20.17
C LEU D 151 -19.55 -20.15 -19.48
N ALA D 152 -19.07 -21.20 -20.15
CA ALA D 152 -17.93 -21.95 -19.72
C ALA D 152 -16.76 -21.53 -20.57
N ILE D 153 -15.59 -21.43 -19.97
CA ILE D 153 -14.37 -21.15 -20.72
C ILE D 153 -13.37 -22.21 -20.30
N PRO D 154 -12.47 -22.62 -21.21
CA PRO D 154 -11.56 -23.73 -20.89
C PRO D 154 -10.66 -23.47 -19.67
N PHE D 155 -10.53 -24.51 -18.86
CA PHE D 155 -9.74 -24.51 -17.65
C PHE D 155 -8.86 -25.76 -17.51
N GLU D 156 -7.57 -25.58 -17.30
CA GLU D 156 -6.64 -26.70 -17.13
C GLU D 156 -6.57 -27.19 -15.69
N HIS D 157 -6.96 -28.44 -15.47
CA HIS D 157 -6.95 -29.02 -14.14
C HIS D 157 -5.61 -29.63 -13.68
N ASP D 158 -5.39 -29.53 -12.37
CA ASP D 158 -4.23 -30.06 -11.67
C ASP D 158 -4.93 -30.67 -10.47
N ARG D 159 -5.17 -31.97 -10.52
CA ARG D 159 -5.93 -32.65 -9.48
C ARG D 159 -4.95 -33.41 -8.61
N SER D 160 -3.86 -33.83 -9.24
CA SER D 160 -2.82 -34.57 -8.55
C SER D 160 -2.03 -33.81 -7.46
N THR D 161 -1.89 -32.49 -7.54
CA THR D 161 -1.09 -31.79 -6.52
C THR D 161 -1.87 -31.78 -5.20
N THR D 162 -3.11 -31.31 -5.25
CA THR D 162 -4.04 -31.40 -4.12
C THR D 162 -4.22 -32.86 -3.61
N ALA D 163 -4.50 -33.78 -4.53
CA ALA D 163 -4.60 -35.21 -4.23
C ALA D 163 -3.32 -35.73 -3.56
N LEU D 164 -2.17 -35.32 -4.07
CA LEU D 164 -0.90 -35.74 -3.50
C LEU D 164 -0.64 -35.22 -2.09
N LEU D 165 -1.20 -34.07 -1.75
CA LEU D 165 -0.93 -33.51 -0.43
C LEU D 165 -1.87 -34.03 0.63
N LYS D 166 -3.02 -34.53 0.19
CA LYS D 166 -4.02 -35.07 1.11
C LYS D 166 -3.63 -36.42 1.69
N LYS D 167 -3.17 -37.32 0.82
CA LYS D 167 -2.77 -38.65 1.26
C LYS D 167 -1.71 -38.56 2.34
N VAL D 168 -0.70 -37.73 2.10
CA VAL D 168 0.39 -37.50 3.02
C VAL D 168 -0.22 -37.08 4.35
N ARG D 169 -1.38 -36.42 4.26
CA ARG D 169 -2.07 -35.92 5.44
C ARG D 169 -2.87 -37.03 6.11
N ALA D 170 -3.36 -37.97 5.30
CA ALA D 170 -4.13 -39.14 5.77
C ALA D 170 -3.37 -40.10 6.70
N GLN D 171 -2.05 -40.12 6.55
CA GLN D 171 -1.19 -41.01 7.31
C GLN D 171 -1.39 -40.90 8.82
N SER D 172 -1.60 -39.67 9.28
CA SER D 172 -1.80 -39.42 10.70
C SER D 172 -2.82 -40.39 11.31
O1 MES E . 13.61 27.66 4.49
C2 MES E . 13.39 28.75 5.37
C3 MES E . 11.93 29.06 5.55
N4 MES E . 11.16 27.85 5.90
C5 MES E . 11.37 26.78 5.01
C6 MES E . 12.85 26.46 4.82
C7 MES E . 11.51 27.45 7.21
C8 MES E . 10.32 26.71 7.89
S MES E . 10.62 26.54 9.58
O1S MES E . 10.21 25.12 10.08
O2S MES E . 9.70 27.42 10.39
O3S MES E . 12.08 26.84 9.89
O1 MES F . -15.03 -23.03 -11.87
C2 MES F . -14.84 -24.40 -12.18
C3 MES F . -13.39 -24.77 -12.35
N4 MES F . -12.56 -24.29 -11.22
C5 MES F . -12.75 -22.92 -10.93
C6 MES F . -14.22 -22.56 -10.76
C7 MES F . -12.90 -25.04 -10.07
C8 MES F . -11.61 -25.66 -9.45
S MES F . -11.58 -25.33 -7.74
O1S MES F . -12.84 -25.84 -7.08
O2S MES F . -10.34 -25.93 -7.10
O3S MES F . -11.36 -23.81 -7.46
#